data_9FBF
#
_entry.id   9FBF
#
_cell.length_a   65.540
_cell.length_b   65.540
_cell.length_c   262.950
_cell.angle_alpha   90.000
_cell.angle_beta   90.000
_cell.angle_gamma   120.000
#
_symmetry.space_group_name_H-M   'P 65 2 2'
#
loop_
_entity.id
_entity.type
_entity.pdbx_description
1 polymer 'Vitamin D3 receptor A'
2 polymer 'Nuclear receptor coactivator 1'
3 non-polymer (1~{R},3~{S},5~{Z})-5-[(2~{E})-2-[(1~{R},3~{a}~{S},7~{a}~{R})-7~{a}-methyl-1-[(1~{S})-5-methyl-1-[(1~{R},2~{R})-2-(3-methyl-3-oxidanyl-butyl)cyclopropyl]-5-oxidanyl-hexyl]-2,3,3~{a},5,6,7-hexahydro-1~{H}-inden-4-ylidene]ethylidene]-4-methylidene-cyclohexane-1,3-diol
4 water water
#
loop_
_entity_poly.entity_id
_entity_poly.type
_entity_poly.pdbx_seq_one_letter_code
_entity_poly.pdbx_strand_id
1 'polypeptide(L)'
;GSHMLSDEQMQIINSLVEAHHKTYDDSYSDFVRFRPPVREGPVTRSASRAASLHSLSDASSDSFNHSPESVDTKLNFSNL
LMMYQDSGSPDSSEEDQQSRLSMLPHLADLVSYSIQKVIGFAKMIPGFRDLTAEDQIALLKSSAIEIIMLRSNQSFSLED
MSWSCGGPDFKYCINDVTKAGHTLELLEPLVKFQVGLKKLKLHEEEHVLLMAICLLSPDRPGVQDHVRIEALQDRLCDVL
QAYIRIQHPGGRLLYAKMIQKLADLRSLNEEHSKQYRSLSFQPEHSMQLTPLVLEVFGSEVS
;
A
2 'polypeptide(L)' RHKILHRLLQEGSPS B
#
loop_
_chem_comp.id
_chem_comp.type
_chem_comp.name
_chem_comp.formula
A1IBM non-polymer (1~{R},3~{S},5~{Z})-5-[(2~{E})-2-[(1~{R},3~{a}~{S},7~{a}~{R})-7~{a}-methyl-1-[(1~{S})-5-methyl-1-[(1~{R},2~{R})-2-(3-methyl-3-oxidanyl-butyl)cyclopropyl]-5-oxidanyl-hexyl]-2,3,3~{a},5,6,7-hexahydro-1~{H}-inden-4-ylidene]ethylidene]-4-methylidene-cyclohexane-1,3-diol 'C34 H56 O4'
#
# COMPACT_ATOMS: atom_id res chain seq x y z
N HIS A 3 12.41 14.54 -24.28
CA HIS A 3 11.71 13.86 -25.38
C HIS A 3 11.99 12.37 -25.50
N MET A 4 12.71 11.82 -24.51
CA MET A 4 13.19 10.46 -24.48
C MET A 4 13.74 10.19 -23.10
N LEU A 5 13.41 9.02 -22.55
CA LEU A 5 13.79 8.66 -21.18
C LEU A 5 15.31 8.61 -21.02
N SER A 6 15.79 9.12 -19.89
CA SER A 6 17.24 9.17 -19.70
C SER A 6 17.72 7.86 -19.08
N ASP A 7 19.04 7.71 -19.07
CA ASP A 7 19.63 6.51 -18.51
C ASP A 7 19.31 6.37 -17.03
N GLU A 8 19.33 7.47 -16.28
CA GLU A 8 19.07 7.38 -14.86
C GLU A 8 17.61 7.13 -14.57
N GLN A 9 16.72 7.69 -15.40
CA GLN A 9 15.29 7.44 -15.25
C GLN A 9 14.92 6.00 -15.59
N MET A 10 15.65 5.42 -16.54
CA MET A 10 15.39 4.03 -16.91
C MET A 10 15.84 3.08 -15.82
N GLN A 11 16.99 3.37 -15.17
CA GLN A 11 17.44 2.55 -14.05
C GLN A 11 16.41 2.53 -12.93
N ILE A 12 15.83 3.70 -12.63
CA ILE A 12 14.83 3.80 -11.55
C ILE A 12 13.63 2.93 -11.87
N ILE A 13 13.26 2.84 -13.14
CA ILE A 13 12.11 2.04 -13.53
C ILE A 13 12.44 0.55 -13.45
N ASN A 14 13.60 0.15 -13.98
CA ASN A 14 14.02 -1.24 -13.83
C ASN A 14 14.05 -1.63 -12.38
N SER A 15 14.68 -0.81 -11.54
CA SER A 15 14.80 -1.14 -10.12
C SER A 15 13.43 -1.30 -9.47
N LEU A 16 12.49 -0.45 -9.84
CA LEU A 16 11.20 -0.51 -9.16
C LEU A 16 10.35 -1.65 -9.68
N VAL A 17 10.36 -1.88 -10.99
CA VAL A 17 9.56 -2.99 -11.52
C VAL A 17 10.05 -4.30 -10.93
N GLU A 18 11.36 -4.52 -10.93
CA GLU A 18 11.88 -5.76 -10.37
C GLU A 18 11.44 -5.92 -8.92
N ALA A 19 11.58 -4.85 -8.12
CA ALA A 19 11.22 -4.91 -6.71
C ALA A 19 9.78 -5.32 -6.52
N HIS A 20 8.89 -4.83 -7.38
CA HIS A 20 7.50 -5.24 -7.28
C HIS A 20 7.36 -6.72 -7.58
N HIS A 21 8.01 -7.18 -8.64
CA HIS A 21 7.91 -8.59 -9.02
C HIS A 21 8.47 -9.48 -7.93
N LYS A 22 9.55 -9.05 -7.30
CA LYS A 22 10.13 -9.79 -6.21
C LYS A 22 9.26 -9.80 -4.96
N THR A 23 8.18 -9.02 -4.90
CA THR A 23 7.40 -8.92 -3.67
C THR A 23 5.90 -9.04 -3.87
N TYR A 24 5.41 -9.36 -5.07
CA TYR A 24 3.98 -9.54 -5.29
C TYR A 24 3.69 -10.89 -5.93
N ASP A 25 3.13 -11.82 -5.16
CA ASP A 25 2.78 -13.13 -5.70
C ASP A 25 1.40 -13.03 -6.33
N ASP A 26 1.38 -13.00 -7.66
CA ASP A 26 0.15 -12.92 -8.43
C ASP A 26 -0.74 -14.15 -8.27
N SER A 27 -0.21 -15.23 -7.70
CA SER A 27 -1.01 -16.42 -7.42
C SER A 27 -1.74 -16.36 -6.10
N TYR A 28 -1.24 -15.60 -5.13
CA TYR A 28 -1.84 -15.55 -3.79
C TYR A 28 -1.75 -16.93 -3.14
N SER A 29 -0.67 -17.64 -3.47
CA SER A 29 -0.53 -19.01 -3.03
C SER A 29 -0.23 -19.12 -1.55
N ASP A 30 0.43 -18.11 -0.95
CA ASP A 30 0.75 -18.14 0.49
C ASP A 30 -0.47 -17.91 1.38
N PHE A 31 -1.65 -17.64 0.81
CA PHE A 31 -2.81 -17.32 1.63
C PHE A 31 -3.29 -18.52 2.43
N VAL A 32 -2.98 -19.73 1.98
CA VAL A 32 -3.30 -20.93 2.74
C VAL A 32 -2.56 -21.00 4.06
N ARG A 33 -1.54 -20.18 4.26
CA ARG A 33 -0.85 -20.09 5.53
C ARG A 33 -1.54 -19.15 6.51
N PHE A 34 -2.47 -18.32 6.05
CA PHE A 34 -3.16 -17.41 6.96
C PHE A 34 -4.23 -18.17 7.71
N ARG A 35 -4.64 -17.60 8.83
CA ARG A 35 -5.76 -18.14 9.58
C ARG A 35 -7.00 -18.10 8.69
N PRO A 36 -7.71 -19.20 8.55
CA PRO A 36 -8.74 -19.29 7.52
C PRO A 36 -9.78 -18.20 7.66
N PRO A 37 -10.37 -17.78 6.56
CA PRO A 37 -11.47 -16.80 6.63
C PRO A 37 -12.74 -17.48 7.09
N VAL A 38 -13.57 -16.74 7.81
CA VAL A 38 -14.83 -17.28 8.32
C VAL A 38 -15.94 -16.28 8.04
N ARG A 39 -17.05 -16.78 7.54
CA ARG A 39 -18.17 -15.97 7.16
C ARG A 39 -19.44 -16.57 7.71
N ARG A 100 -19.02 -11.60 15.67
CA ARG A 100 -18.02 -11.07 16.58
C ARG A 100 -16.67 -10.90 15.87
N LEU A 101 -16.71 -10.19 14.73
CA LEU A 101 -15.54 -9.92 13.88
C LEU A 101 -14.95 -11.22 13.35
N SER A 102 -15.75 -11.89 12.53
CA SER A 102 -15.44 -13.25 12.09
C SER A 102 -14.17 -13.29 11.23
N MET A 103 -14.08 -12.40 10.23
CA MET A 103 -12.99 -12.33 9.27
C MET A 103 -11.73 -11.64 9.80
N LEU A 104 -11.76 -11.10 11.01
CA LEU A 104 -10.63 -10.32 11.53
C LEU A 104 -9.33 -11.11 11.63
N PRO A 105 -9.30 -12.37 12.09
CA PRO A 105 -8.04 -13.14 12.03
C PRO A 105 -7.44 -13.20 10.64
N HIS A 106 -8.24 -13.59 9.65
CA HIS A 106 -7.71 -13.74 8.30
C HIS A 106 -7.22 -12.40 7.74
N LEU A 107 -7.96 -11.31 7.98
CA LEU A 107 -7.52 -10.06 7.38
C LEU A 107 -6.28 -9.53 8.07
N ALA A 108 -6.15 -9.77 9.37
CA ALA A 108 -4.96 -9.33 10.08
C ALA A 108 -3.73 -10.07 9.58
N ASP A 109 -3.88 -11.37 9.34
CA ASP A 109 -2.81 -12.13 8.69
C ASP A 109 -2.55 -11.62 7.28
N LEU A 110 -3.61 -11.28 6.54
CA LEU A 110 -3.43 -10.77 5.18
C LEU A 110 -2.67 -9.46 5.19
N VAL A 111 -3.11 -8.52 6.03
CA VAL A 111 -2.44 -7.23 6.12
C VAL A 111 -1.01 -7.40 6.65
N SER A 112 -0.82 -8.33 7.60
CA SER A 112 0.51 -8.51 8.16
C SER A 112 1.49 -9.01 7.10
N TYR A 113 1.06 -10.00 6.33
CA TYR A 113 1.85 -10.51 5.23
C TYR A 113 2.19 -9.39 4.24
N SER A 114 1.19 -8.56 3.90
CA SER A 114 1.38 -7.47 2.94
C SER A 114 2.42 -6.46 3.42
N ILE A 115 2.29 -5.98 4.66
CA ILE A 115 3.30 -5.11 5.27
C ILE A 115 4.71 -5.65 5.04
N GLN A 116 4.91 -6.97 5.17
CA GLN A 116 6.24 -7.52 4.92
C GLN A 116 6.65 -7.33 3.46
N LYS A 117 5.70 -7.48 2.52
CA LYS A 117 6.03 -7.25 1.11
C LYS A 117 6.27 -5.77 0.83
N VAL A 118 5.45 -4.89 1.42
CA VAL A 118 5.66 -3.44 1.28
C VAL A 118 7.05 -3.05 1.77
N ILE A 119 7.47 -3.56 2.94
CA ILE A 119 8.78 -3.24 3.49
C ILE A 119 9.89 -3.70 2.54
N GLY A 120 9.72 -4.88 1.94
CA GLY A 120 10.72 -5.37 1.00
C GLY A 120 10.79 -4.53 -0.27
N PHE A 121 9.63 -4.10 -0.77
CA PHE A 121 9.58 -3.16 -1.88
C PHE A 121 10.31 -1.87 -1.53
N ALA A 122 9.95 -1.26 -0.39
CA ALA A 122 10.56 0.00 0.03
C ALA A 122 12.07 -0.11 0.14
N LYS A 123 12.55 -1.22 0.71
CA LYS A 123 13.98 -1.48 0.81
C LYS A 123 14.68 -1.37 -0.54
N MET A 124 13.95 -1.39 -1.65
CA MET A 124 14.56 -1.38 -2.96
C MET A 124 14.22 -0.16 -3.81
N ILE A 125 13.37 0.74 -3.32
CA ILE A 125 13.20 2.06 -3.92
C ILE A 125 14.53 2.79 -3.82
N PRO A 126 15.15 3.21 -4.93
CA PRO A 126 16.42 3.92 -4.83
C PRO A 126 16.25 5.16 -3.97
N GLY A 127 17.23 5.38 -3.08
CA GLY A 127 17.19 6.44 -2.12
C GLY A 127 16.68 6.04 -0.75
N PHE A 128 15.81 5.03 -0.66
CA PHE A 128 15.14 4.73 0.60
C PHE A 128 16.13 4.23 1.65
N ARG A 129 17.05 3.34 1.25
CA ARG A 129 17.96 2.71 2.22
C ARG A 129 18.84 3.73 2.93
N ASP A 130 19.14 4.86 2.29
CA ASP A 130 20.10 5.80 2.87
C ASP A 130 19.46 6.74 3.88
N LEU A 131 18.14 6.76 3.97
CA LEU A 131 17.47 7.51 5.01
C LEU A 131 17.80 6.91 6.38
N THR A 132 17.71 7.73 7.42
CA THR A 132 17.88 7.19 8.76
C THR A 132 16.84 6.10 9.06
N ALA A 133 17.15 5.23 10.02
CA ALA A 133 16.18 4.18 10.32
C ALA A 133 14.90 4.78 10.87
N GLU A 134 15.03 5.88 11.61
CA GLU A 134 13.86 6.61 12.09
C GLU A 134 12.99 7.06 10.93
N ASP A 135 13.61 7.71 9.93
CA ASP A 135 12.87 8.15 8.75
C ASP A 135 12.24 6.98 8.01
N GLN A 136 12.99 5.89 7.84
CA GLN A 136 12.43 4.72 7.17
C GLN A 136 11.19 4.22 7.88
N ILE A 137 11.26 4.13 9.20
CA ILE A 137 10.10 3.69 9.98
C ILE A 137 8.95 4.68 9.84
N ALA A 138 9.26 5.99 9.89
CA ALA A 138 8.19 6.99 9.84
C ALA A 138 7.39 6.88 8.54
N LEU A 139 8.09 6.70 7.41
CA LEU A 139 7.39 6.56 6.14
C LEU A 139 6.54 5.29 6.13
N LEU A 140 7.12 4.16 6.53
CA LEU A 140 6.40 2.91 6.54
C LEU A 140 5.14 2.98 7.40
N LYS A 141 5.29 3.43 8.67
CA LYS A 141 4.15 3.42 9.59
C LYS A 141 2.96 4.23 9.06
N SER A 142 3.22 5.33 8.36
CA SER A 142 2.12 6.15 7.87
C SER A 142 1.62 5.71 6.49
N SER A 143 2.50 5.29 5.60
CA SER A 143 2.08 4.95 4.25
C SER A 143 1.61 3.52 4.12
N ALA A 144 1.80 2.70 5.16
CA ALA A 144 1.60 1.26 5.07
C ALA A 144 0.25 0.91 4.48
N ILE A 145 -0.82 1.38 5.12
CA ILE A 145 -2.16 1.02 4.68
C ILE A 145 -2.41 1.56 3.28
N GLU A 146 -1.83 2.72 2.94
CA GLU A 146 -2.01 3.30 1.63
C GLU A 146 -1.36 2.43 0.56
N ILE A 147 -0.10 2.03 0.77
CA ILE A 147 0.56 1.16 -0.20
C ILE A 147 -0.21 -0.14 -0.37
N ILE A 148 -0.78 -0.66 0.72
CA ILE A 148 -1.56 -1.89 0.65
C ILE A 148 -2.77 -1.73 -0.26
N MET A 149 -3.62 -0.73 0.03
CA MET A 149 -4.75 -0.43 -0.86
C MET A 149 -4.30 -0.25 -2.29
N LEU A 150 -3.09 0.27 -2.49
CA LEU A 150 -2.58 0.50 -3.83
C LEU A 150 -2.20 -0.81 -4.51
N ARG A 151 -1.38 -1.64 -3.84
CA ARG A 151 -0.93 -2.90 -4.44
C ARG A 151 -2.08 -3.86 -4.61
N SER A 152 -3.05 -3.80 -3.70
CA SER A 152 -4.24 -4.65 -3.74
C SER A 152 -5.10 -4.42 -4.97
N ASN A 153 -4.88 -3.34 -5.72
CA ASN A 153 -5.68 -3.12 -6.92
C ASN A 153 -5.42 -4.20 -7.97
N GLN A 154 -4.22 -4.76 -8.02
CA GLN A 154 -3.95 -5.85 -8.94
C GLN A 154 -4.90 -7.03 -8.75
N SER A 155 -5.49 -7.21 -7.55
CA SER A 155 -6.45 -8.29 -7.32
C SER A 155 -7.90 -7.86 -7.42
N PHE A 156 -8.19 -6.55 -7.41
CA PHE A 156 -9.57 -6.08 -7.49
C PHE A 156 -10.12 -6.32 -8.89
N SER A 157 -11.28 -6.95 -8.96
CA SER A 157 -11.92 -7.29 -10.23
C SER A 157 -13.14 -6.40 -10.42
N LEU A 158 -13.20 -5.73 -11.57
CA LEU A 158 -14.37 -4.91 -11.87
C LEU A 158 -15.62 -5.75 -12.03
N GLU A 159 -15.46 -6.99 -12.46
CA GLU A 159 -16.61 -7.84 -12.76
C GLU A 159 -17.53 -7.98 -11.55
N ASP A 160 -17.02 -8.52 -10.46
CA ASP A 160 -17.83 -8.74 -9.26
C ASP A 160 -17.53 -7.73 -8.16
N MET A 161 -16.68 -6.75 -8.43
CA MET A 161 -16.47 -5.62 -7.51
C MET A 161 -15.83 -6.08 -6.21
N SER A 162 -14.92 -7.04 -6.32
CA SER A 162 -14.31 -7.65 -5.14
C SER A 162 -12.86 -8.00 -5.46
N TRP A 163 -12.04 -8.05 -4.41
CA TRP A 163 -10.69 -8.60 -4.53
C TRP A 163 -10.79 -10.11 -4.65
N SER A 164 -10.26 -10.65 -5.74
CA SER A 164 -10.36 -12.07 -6.06
C SER A 164 -8.96 -12.67 -5.93
N CYS A 165 -8.72 -13.38 -4.82
CA CYS A 165 -7.41 -13.95 -4.56
C CYS A 165 -7.44 -15.46 -4.50
N GLY A 166 -8.54 -16.08 -4.89
CA GLY A 166 -8.67 -17.52 -4.86
C GLY A 166 -10.07 -17.92 -5.24
N GLY A 167 -10.55 -19.03 -4.69
CA GLY A 167 -11.90 -19.48 -4.94
C GLY A 167 -12.89 -18.72 -4.09
N PRO A 168 -13.96 -19.39 -3.68
CA PRO A 168 -14.88 -18.79 -2.69
C PRO A 168 -14.18 -18.39 -1.38
N ASP A 169 -13.03 -18.98 -1.07
CA ASP A 169 -12.36 -18.66 0.18
C ASP A 169 -11.76 -17.26 0.15
N PHE A 170 -10.81 -17.01 -0.75
CA PHE A 170 -10.04 -15.77 -0.79
C PHE A 170 -10.63 -14.72 -1.74
N LYS A 171 -11.94 -14.76 -1.96
CA LYS A 171 -12.65 -13.70 -2.65
C LYS A 171 -13.22 -12.78 -1.57
N TYR A 172 -12.62 -11.61 -1.42
CA TYR A 172 -13.06 -10.65 -0.41
C TYR A 172 -14.00 -9.66 -1.08
N CYS A 173 -15.29 -9.75 -0.75
CA CYS A 173 -16.25 -8.77 -1.21
C CYS A 173 -16.67 -7.89 -0.04
N ILE A 174 -17.39 -6.80 -0.36
CA ILE A 174 -17.60 -5.71 0.59
C ILE A 174 -18.17 -6.19 1.92
N ASN A 175 -18.94 -7.28 1.90
CA ASN A 175 -19.61 -7.68 3.12
C ASN A 175 -18.67 -8.36 4.11
N ASP A 176 -17.61 -8.99 3.63
CA ASP A 176 -16.73 -9.74 4.50
C ASP A 176 -15.90 -8.82 5.39
N VAL A 177 -15.42 -7.71 4.85
CA VAL A 177 -14.61 -6.78 5.62
C VAL A 177 -15.44 -6.13 6.73
N THR A 178 -16.78 -6.24 6.63
CA THR A 178 -17.68 -5.82 7.69
C THR A 178 -17.59 -6.73 8.91
N LYS A 179 -17.22 -8.00 8.71
CA LYS A 179 -17.03 -8.91 9.81
C LYS A 179 -15.57 -8.84 10.24
N ALA A 180 -15.00 -7.65 10.08
CA ALA A 180 -13.62 -7.45 10.49
C ALA A 180 -13.47 -6.13 11.22
N GLY A 181 -14.55 -5.60 11.79
CA GLY A 181 -14.47 -4.41 12.61
C GLY A 181 -14.60 -3.12 11.87
N HIS A 182 -14.82 -3.15 10.57
CA HIS A 182 -14.98 -1.93 9.80
C HIS A 182 -16.43 -1.80 9.34
N THR A 183 -16.77 -0.57 8.95
CA THR A 183 -18.14 -0.18 8.70
C THR A 183 -18.45 -0.23 7.21
N LEU A 184 -19.59 -0.86 6.88
CA LEU A 184 -20.12 -0.81 5.52
C LEU A 184 -20.11 0.62 4.99
N GLU A 185 -20.41 1.59 5.86
CA GLU A 185 -20.56 2.98 5.44
C GLU A 185 -19.23 3.57 4.98
N LEU A 186 -18.15 3.26 5.67
CA LEU A 186 -16.87 3.86 5.35
C LEU A 186 -16.03 2.99 4.43
N LEU A 187 -16.55 1.82 4.06
CA LEU A 187 -15.96 1.02 3.01
C LEU A 187 -16.29 1.57 1.62
N GLU A 188 -17.27 2.47 1.53
CA GLU A 188 -17.71 3.08 0.28
C GLU A 188 -16.51 3.66 -0.47
N PRO A 189 -15.76 4.60 0.12
CA PRO A 189 -14.67 5.23 -0.65
C PRO A 189 -13.60 4.26 -1.09
N LEU A 190 -13.44 3.14 -0.40
CA LEU A 190 -12.37 2.22 -0.73
C LEU A 190 -12.68 1.47 -2.01
N VAL A 191 -13.91 0.97 -2.12
CA VAL A 191 -14.33 0.33 -3.36
C VAL A 191 -14.31 1.34 -4.50
N LYS A 192 -14.81 2.56 -4.23
CA LYS A 192 -14.80 3.62 -5.23
C LYS A 192 -13.37 3.92 -5.69
N PHE A 193 -12.44 4.03 -4.75
CA PHE A 193 -11.05 4.23 -5.10
C PHE A 193 -10.54 3.12 -6.00
N GLN A 194 -10.85 1.86 -5.68
CA GLN A 194 -10.30 0.74 -6.43
C GLN A 194 -10.85 0.70 -7.85
N VAL A 195 -12.10 1.14 -8.05
CA VAL A 195 -12.69 1.14 -9.39
C VAL A 195 -12.07 2.23 -10.25
N GLY A 196 -11.99 3.45 -9.72
CA GLY A 196 -11.40 4.53 -10.48
C GLY A 196 -9.95 4.27 -10.83
N LEU A 197 -9.25 3.54 -9.99
CA LEU A 197 -7.86 3.21 -10.27
C LEU A 197 -7.77 2.08 -11.29
N LYS A 198 -8.67 1.10 -11.16
CA LYS A 198 -8.72 0.04 -12.15
C LYS A 198 -8.95 0.62 -13.53
N LYS A 199 -9.82 1.64 -13.60
CA LYS A 199 -10.17 2.25 -14.89
C LYS A 199 -9.00 3.04 -15.46
N LEU A 200 -8.13 3.59 -14.60
CA LEU A 200 -6.96 4.30 -15.09
C LEU A 200 -6.05 3.43 -15.94
N LYS A 201 -6.26 2.11 -15.97
CA LYS A 201 -5.46 1.17 -16.76
C LYS A 201 -3.99 1.56 -16.78
N LEU A 202 -3.36 1.51 -15.60
CA LEU A 202 -1.98 1.92 -15.47
C LEU A 202 -1.03 0.81 -15.93
N HIS A 203 0.04 1.22 -16.63
CA HIS A 203 1.15 0.33 -16.90
C HIS A 203 1.79 -0.09 -15.57
N GLU A 204 2.45 -1.24 -15.61
CA GLU A 204 3.17 -1.72 -14.42
C GLU A 204 4.18 -0.69 -13.93
N GLU A 205 4.80 0.02 -14.87
CA GLU A 205 5.73 1.11 -14.55
C GLU A 205 5.02 2.24 -13.82
N GLU A 206 3.85 2.66 -14.31
CA GLU A 206 3.12 3.73 -13.64
C GLU A 206 2.63 3.29 -12.27
N HIS A 207 2.22 2.03 -12.18
CA HIS A 207 1.80 1.44 -10.91
C HIS A 207 2.92 1.46 -9.89
N VAL A 208 4.01 0.76 -10.20
CA VAL A 208 5.15 0.70 -9.30
C VAL A 208 5.63 2.12 -8.97
N LEU A 209 5.60 3.03 -9.96
CA LEU A 209 6.04 4.40 -9.73
C LEU A 209 5.11 5.11 -8.76
N LEU A 210 3.80 4.97 -8.95
CA LEU A 210 2.85 5.58 -8.05
C LEU A 210 3.04 5.09 -6.63
N MET A 211 3.36 3.80 -6.47
CA MET A 211 3.56 3.25 -5.13
C MET A 211 4.74 3.90 -4.43
N ALA A 212 5.87 4.01 -5.13
CA ALA A 212 7.07 4.61 -4.54
C ALA A 212 6.84 6.08 -4.23
N ILE A 213 6.08 6.76 -5.08
CA ILE A 213 5.77 8.15 -4.80
C ILE A 213 4.88 8.26 -3.57
N CYS A 214 3.88 7.38 -3.45
CA CYS A 214 3.02 7.46 -2.27
C CYS A 214 3.83 7.28 -1.01
N LEU A 215 4.73 6.31 -1.03
CA LEU A 215 5.51 5.97 0.16
C LEU A 215 6.50 7.08 0.51
N LEU A 216 6.97 7.83 -0.48
CA LEU A 216 8.00 8.84 -0.22
C LEU A 216 7.42 10.22 0.04
N SER A 217 6.23 10.32 0.62
CA SER A 217 5.66 11.62 0.90
C SER A 217 6.33 12.26 2.10
N PRO A 218 6.93 13.45 1.97
CA PRO A 218 7.55 14.10 3.13
C PRO A 218 6.56 14.57 4.19
N ASP A 219 5.27 14.63 3.87
CA ASP A 219 4.27 15.07 4.86
C ASP A 219 3.68 13.84 5.55
N ARG A 220 4.55 13.15 6.27
CA ARG A 220 4.08 12.16 7.19
C ARG A 220 4.49 12.57 8.60
N PRO A 221 3.64 12.31 9.60
CA PRO A 221 4.07 12.55 10.98
C PRO A 221 5.24 11.64 11.33
N GLY A 222 6.33 12.25 11.76
CA GLY A 222 7.52 11.55 12.20
C GLY A 222 8.75 11.76 11.35
N VAL A 223 8.60 12.13 10.07
CA VAL A 223 9.79 12.31 9.24
C VAL A 223 10.60 13.48 9.81
N GLN A 224 11.93 13.31 9.85
CA GLN A 224 12.82 14.40 10.22
C GLN A 224 13.45 15.06 9.00
N ASP A 225 13.93 14.26 8.06
CA ASP A 225 14.54 14.78 6.83
C ASP A 225 13.51 14.87 5.72
N HIS A 226 12.46 15.65 5.98
CA HIS A 226 11.41 15.99 5.01
C HIS A 226 11.95 16.73 3.78
N VAL A 227 13.23 17.10 3.74
CA VAL A 227 13.81 17.69 2.54
C VAL A 227 14.40 16.60 1.64
N ARG A 228 15.18 15.68 2.21
CA ARG A 228 15.71 14.57 1.40
C ARG A 228 14.57 13.70 0.87
N ILE A 229 13.59 13.39 1.70
CA ILE A 229 12.47 12.58 1.27
C ILE A 229 11.68 13.31 0.18
N GLU A 230 11.59 14.64 0.29
CA GLU A 230 10.96 15.44 -0.76
C GLU A 230 11.80 15.40 -2.03
N ALA A 231 13.12 15.50 -1.90
CA ALA A 231 14.00 15.40 -3.06
C ALA A 231 13.85 14.06 -3.75
N LEU A 232 13.78 12.97 -2.97
CA LEU A 232 13.56 11.66 -3.57
C LEU A 232 12.20 11.60 -4.27
N GLN A 233 11.16 12.15 -3.64
CA GLN A 233 9.82 11.99 -4.19
C GLN A 233 9.63 12.77 -5.48
N ASP A 234 10.37 13.86 -5.67
CA ASP A 234 10.24 14.66 -6.89
C ASP A 234 10.95 14.00 -8.06
N ARG A 235 12.15 13.46 -7.81
CA ARG A 235 12.84 12.66 -8.81
C ARG A 235 11.94 11.54 -9.34
N LEU A 236 11.15 10.92 -8.45
CA LEU A 236 10.24 9.85 -8.85
C LEU A 236 9.06 10.38 -9.64
N CYS A 237 8.56 11.58 -9.31
CA CYS A 237 7.52 12.21 -10.11
C CYS A 237 8.01 12.60 -11.49
N ASP A 238 9.23 13.15 -11.58
CA ASP A 238 9.81 13.43 -12.88
C ASP A 238 9.79 12.17 -13.74
N VAL A 239 10.34 11.07 -13.21
CA VAL A 239 10.34 9.81 -13.93
C VAL A 239 8.94 9.47 -14.39
N LEU A 240 7.95 9.69 -13.54
CA LEU A 240 6.61 9.28 -13.90
C LEU A 240 6.04 10.15 -15.01
N GLN A 241 6.20 11.48 -14.90
CA GLN A 241 5.72 12.39 -15.93
C GLN A 241 6.39 12.11 -17.25
N ALA A 242 7.72 11.96 -17.23
CA ALA A 242 8.44 11.49 -18.41
C ALA A 242 7.82 10.23 -18.96
N TYR A 243 7.69 9.19 -18.13
CA TYR A 243 7.19 7.91 -18.62
C TYR A 243 5.85 8.07 -19.34
N ILE A 244 4.84 8.60 -18.63
CA ILE A 244 3.55 8.84 -19.24
C ILE A 244 3.69 9.66 -20.52
N ARG A 245 4.62 10.63 -20.52
CA ARG A 245 4.73 11.57 -21.63
C ARG A 245 5.32 10.91 -22.86
N ILE A 246 6.44 10.19 -22.69
CA ILE A 246 7.10 9.57 -23.84
C ILE A 246 6.69 8.12 -24.07
N GLN A 247 5.89 7.50 -23.18
CA GLN A 247 5.62 6.07 -23.28
C GLN A 247 4.17 5.65 -23.14
N HIS A 248 3.25 6.54 -22.80
CA HIS A 248 1.85 6.17 -22.55
C HIS A 248 0.95 7.03 -23.44
N PRO A 249 0.59 6.52 -24.62
CA PRO A 249 -0.24 7.32 -25.54
C PRO A 249 -1.66 7.50 -25.03
N GLY A 250 -2.17 8.71 -25.20
CA GLY A 250 -3.50 9.05 -24.74
C GLY A 250 -3.58 9.52 -23.31
N GLY A 251 -2.45 9.59 -22.60
CA GLY A 251 -2.44 9.98 -21.20
C GLY A 251 -2.13 11.44 -20.95
N ARG A 252 -2.61 12.31 -21.84
CA ARG A 252 -2.39 13.75 -21.69
C ARG A 252 -2.89 14.26 -20.34
N LEU A 253 -3.81 13.54 -19.70
CA LEU A 253 -4.38 13.94 -18.41
C LEU A 253 -4.10 12.95 -17.31
N LEU A 254 -3.24 11.94 -17.53
CA LEU A 254 -3.16 10.79 -16.63
C LEU A 254 -2.39 11.12 -15.35
N TYR A 255 -1.30 11.89 -15.46
CA TYR A 255 -0.49 12.18 -14.28
C TYR A 255 -1.29 12.94 -13.23
N ALA A 256 -2.14 13.88 -13.66
CA ALA A 256 -2.99 14.57 -12.72
C ALA A 256 -4.01 13.60 -12.12
N LYS A 257 -4.60 12.74 -12.95
CA LYS A 257 -5.49 11.70 -12.44
C LYS A 257 -4.79 10.85 -11.38
N MET A 258 -3.51 10.54 -11.60
CA MET A 258 -2.76 9.72 -10.64
C MET A 258 -2.49 10.48 -9.35
N ILE A 259 -2.04 11.73 -9.44
CA ILE A 259 -1.79 12.50 -8.23
C ILE A 259 -3.07 12.71 -7.44
N GLN A 260 -4.22 12.76 -8.13
CA GLN A 260 -5.50 12.84 -7.42
C GLN A 260 -5.71 11.61 -6.56
N LYS A 261 -5.38 10.44 -7.09
CA LYS A 261 -5.53 9.20 -6.34
C LYS A 261 -4.74 9.25 -5.05
N LEU A 262 -3.63 9.99 -5.03
CA LEU A 262 -2.82 10.08 -3.83
C LEU A 262 -3.56 10.83 -2.72
N ALA A 263 -4.29 11.88 -3.10
CA ALA A 263 -5.06 12.64 -2.12
C ALA A 263 -6.22 11.81 -1.57
N ASP A 264 -6.78 10.94 -2.42
CA ASP A 264 -7.84 10.05 -1.95
C ASP A 264 -7.31 9.12 -0.87
N LEU A 265 -6.12 8.55 -1.10
CA LEU A 265 -5.53 7.60 -0.16
C LEU A 265 -5.38 8.20 1.23
N ARG A 266 -5.13 9.51 1.34
CA ARG A 266 -4.98 10.09 2.67
C ARG A 266 -6.31 10.08 3.41
N SER A 267 -7.42 10.25 2.71
CA SER A 267 -8.71 10.13 3.37
C SER A 267 -8.95 8.69 3.82
N LEU A 268 -8.67 7.74 2.94
CA LEU A 268 -8.77 6.33 3.32
C LEU A 268 -7.89 6.04 4.53
N ASN A 269 -6.61 6.40 4.44
CA ASN A 269 -5.69 6.32 5.58
C ASN A 269 -6.31 6.92 6.82
N GLU A 270 -6.97 8.06 6.69
CA GLU A 270 -7.57 8.71 7.86
C GLU A 270 -8.72 7.87 8.41
N GLU A 271 -9.64 7.46 7.54
CA GLU A 271 -10.79 6.67 7.97
C GLU A 271 -10.36 5.39 8.66
N HIS A 272 -9.35 4.74 8.10
CA HIS A 272 -8.86 3.49 8.66
C HIS A 272 -8.25 3.71 10.03
N SER A 273 -7.50 4.80 10.21
CA SER A 273 -6.90 5.06 11.51
C SER A 273 -7.95 5.23 12.60
N LYS A 274 -9.09 5.86 12.28
CA LYS A 274 -10.13 6.04 13.29
C LYS A 274 -10.76 4.71 13.67
N GLN A 275 -10.88 3.80 12.71
CA GLN A 275 -11.59 2.54 12.95
C GLN A 275 -10.67 1.47 13.49
N TYR A 276 -9.40 1.51 13.09
CA TYR A 276 -8.42 0.64 13.70
C TYR A 276 -8.17 1.02 15.16
N ARG A 277 -8.21 2.32 15.49
CA ARG A 277 -8.05 2.69 16.89
C ARG A 277 -9.15 2.08 17.74
N SER A 278 -10.38 2.06 17.19
CA SER A 278 -11.46 1.36 17.87
C SER A 278 -11.15 -0.11 18.07
N LEU A 279 -10.52 -0.75 17.08
CA LEU A 279 -10.16 -2.16 17.21
C LEU A 279 -9.06 -2.34 18.25
N SER A 280 -8.00 -1.53 18.18
CA SER A 280 -6.88 -1.72 19.08
C SER A 280 -7.17 -1.29 20.51
N PHE A 281 -8.29 -0.60 20.75
CA PHE A 281 -8.64 -0.21 22.11
C PHE A 281 -9.55 -1.22 22.79
N GLN A 282 -10.07 -2.19 22.06
CA GLN A 282 -10.84 -3.28 22.62
C GLN A 282 -9.95 -4.52 22.73
N PRO A 283 -9.51 -4.92 23.93
CA PRO A 283 -8.47 -5.95 23.99
C PRO A 283 -8.89 -7.29 23.41
N GLU A 284 -10.21 -7.56 23.29
CA GLU A 284 -10.64 -8.81 22.67
C GLU A 284 -10.48 -8.81 21.16
N HIS A 285 -10.41 -7.64 20.55
CA HIS A 285 -10.15 -7.61 19.12
C HIS A 285 -8.66 -7.51 18.81
N SER A 286 -7.92 -6.73 19.60
CA SER A 286 -6.50 -6.58 19.33
C SER A 286 -5.77 -7.92 19.49
N MET A 287 -6.21 -8.79 20.40
CA MET A 287 -5.54 -10.09 20.52
C MET A 287 -5.58 -10.88 19.20
N GLN A 288 -6.52 -10.56 18.30
CA GLN A 288 -6.59 -11.23 17.02
C GLN A 288 -5.62 -10.63 16.00
N LEU A 289 -5.06 -9.46 16.30
CA LEU A 289 -4.07 -8.84 15.43
C LEU A 289 -2.72 -9.58 15.53
N THR A 290 -1.78 -9.15 14.71
CA THR A 290 -0.44 -9.69 14.76
C THR A 290 0.51 -8.65 15.34
N PRO A 291 1.63 -9.08 15.93
CA PRO A 291 2.58 -8.10 16.49
C PRO A 291 3.08 -7.07 15.47
N LEU A 292 3.32 -7.51 14.23
CA LEU A 292 3.68 -6.59 13.15
C LEU A 292 2.59 -5.54 12.91
N VAL A 293 1.34 -5.99 12.78
CA VAL A 293 0.23 -5.05 12.60
C VAL A 293 0.18 -4.06 13.74
N LEU A 294 0.36 -4.54 14.98
CA LEU A 294 0.23 -3.63 16.12
C LEU A 294 1.40 -2.68 16.20
N GLU A 295 2.59 -3.11 15.74
CA GLU A 295 3.72 -2.20 15.66
C GLU A 295 3.48 -1.13 14.61
N VAL A 296 3.00 -1.56 13.44
CA VAL A 296 2.88 -0.65 12.30
C VAL A 296 1.76 0.37 12.53
N PHE A 297 0.56 -0.09 12.89
CA PHE A 297 -0.57 0.82 13.01
C PHE A 297 -0.74 1.37 14.41
N GLY A 298 0.12 1.02 15.35
CA GLY A 298 0.06 1.60 16.67
C GLY A 298 0.87 2.88 16.76
N SER A 299 0.70 3.59 17.88
CA SER A 299 1.37 4.87 18.06
C SER A 299 2.46 4.78 19.12
N GLU A 300 3.48 3.94 18.92
CA GLU A 300 4.57 3.81 19.88
C GLU A 300 5.82 4.56 19.45
N VAL A 301 5.69 5.44 18.46
CA VAL A 301 6.83 6.20 17.94
C VAL A 301 7.48 7.06 19.02
N ARG B 1 8.49 1.33 20.19
CA ARG B 1 9.63 0.41 20.33
C ARG B 1 10.19 0.08 18.95
N HIS B 2 9.40 -0.64 18.16
CA HIS B 2 9.68 -0.92 16.75
C HIS B 2 10.76 -1.97 16.57
N LYS B 3 10.83 -2.93 17.49
CA LYS B 3 11.82 -3.97 17.38
C LYS B 3 11.71 -4.66 16.04
N ILE B 4 10.49 -4.96 15.59
CA ILE B 4 10.30 -5.76 14.39
C ILE B 4 10.60 -4.95 13.13
N LEU B 5 10.13 -3.70 13.09
CA LEU B 5 10.40 -2.86 11.93
C LEU B 5 11.89 -2.74 11.71
N HIS B 6 12.65 -2.48 12.78
CA HIS B 6 14.11 -2.40 12.65
C HIS B 6 14.68 -3.70 12.12
N ARG B 7 14.25 -4.84 12.65
CA ARG B 7 14.73 -6.10 12.11
C ARG B 7 14.40 -6.20 10.62
N LEU B 8 13.15 -5.88 10.25
CA LEU B 8 12.71 -6.10 8.89
C LEU B 8 13.46 -5.22 7.88
N LEU B 9 14.03 -4.11 8.31
CA LEU B 9 14.88 -3.31 7.43
C LEU B 9 16.35 -3.77 7.56
N GLN B 10 16.61 -5.01 7.10
CA GLN B 10 17.86 -5.77 7.31
C GLN B 10 18.75 -5.17 8.39
C4 A1IBM C . -8.01 -4.65 1.56
C5 A1IBM C . -8.58 -4.97 2.96
C6 A1IBM C . -9.84 -5.82 2.73
C7 A1IBM C . -6.93 -3.59 1.84
C8 A1IBM C . -7.47 -2.80 3.05
C10 A1IBM C . -7.54 -5.76 3.76
C13 A1IBM C . -9.76 -1.83 5.10
C15 A1IBM C . -8.44 -4.22 7.20
C17 A1IBM C . -7.41 -4.23 9.59
C21 A1IBM C . -11.19 -1.53 5.48
C22 A1IBM C . -11.98 -0.44 4.72
C24 A1IBM C . -11.93 2.08 5.38
C26 A1IBM C . -13.33 1.76 5.92
C28 A1IBM C . -6.18 -7.25 -0.58
C1 A1IBM C . -9.55 -7.08 1.92
C11 A1IBM C . -6.49 -6.17 0.24
C12 A1IBM C . -9.19 -3.23 4.91
C14 A1IBM C . -8.07 -3.48 5.92
C16 A1IBM C . -7.22 -4.45 8.09
C18 A1IBM C . -6.11 -4.49 10.32
C19 A1IBM C . -8.53 -5.11 10.14
C2 A1IBM C . -8.93 -6.74 0.57
C23 A1IBM C . -11.43 0.96 4.46
C25 A1IBM C . -11.89 3.43 4.70
C29 A1IBM C . -4.96 -7.69 -0.97
C3 A1IBM C . -7.71 -5.89 0.74
C30 A1IBM C . -4.86 -8.88 -1.91
C31 A1IBM C . -3.62 -9.03 -2.77
C32 A1IBM C . -2.39 -8.70 -1.94
C33 A1IBM C . -2.49 -7.29 -1.40
C34 A1IBM C . -3.69 -7.16 -0.50
C35 A1IBM C . -3.54 -6.62 0.70
C38 A1IBM C . -10.07 -1.19 6.42
C9 A1IBM C . -8.78 -3.52 3.45
O20 A1IBM C . -7.79 -2.86 9.81
O27 A1IBM C . -11.05 2.12 6.51
O36 A1IBM C . -1.33 -6.98 -0.64
O37 A1IBM C . -3.68 -8.16 -3.90
#